data_2Q96
#
_entry.id   2Q96
#
_cell.length_a   39.285
_cell.length_b   62.028
_cell.length_c   52.426
_cell.angle_alpha   90.000
_cell.angle_beta   108.760
_cell.angle_gamma   90.000
#
_symmetry.space_group_name_H-M   'P 1 21 1'
#
loop_
_entity.id
_entity.type
_entity.pdbx_description
1 polymer 'Methionine aminopeptidase'
2 non-polymer 'MANGANESE (II) ION'
3 non-polymer 'SODIUM ION'
4 non-polymer '5-(2-CHLOROBENZYL)-2-FUROIC ACID'
5 water water
#
_entity_poly.entity_id   1
_entity_poly.type   'polypeptide(L)'
_entity_poly.pdbx_seq_one_letter_code
;AISIKTPEDIEKMRVAGRLAAEVLEMIEPYVKPGVSTGELDRICNDYIVNEQHAVSACLGYHGYPKSVCISINEVVCHGI
PDDAKLLKDGDIVNIDVTVIKDGFHGDTSKMFIVGKPTIMGERLCRITQESLYLALRMVKPGINLREIGAAIQKFVEAEG
FSVVREYCGHGIGRGFHEEPQVLHYDSRETNVVLKPGMTFTIEPMVNAGKKEIRTMKDGWTVKTKDRSLSAQYEHTIVVT
DNGCEILTLRKDDTIPAIISHDE
;
_entity_poly.pdbx_strand_id   A
#
loop_
_chem_comp.id
_chem_comp.type
_chem_comp.name
_chem_comp.formula
A18 non-polymer '5-(2-CHLOROBENZYL)-2-FUROIC ACID' 'C12 H9 Cl O3'
MN non-polymer 'MANGANESE (II) ION' 'Mn 2'
NA non-polymer 'SODIUM ION' 'Na 1'
#
# COMPACT_ATOMS: atom_id res chain seq x y z
N ALA A 1 -0.21 2.01 23.35
CA ALA A 1 1.22 2.36 23.11
C ALA A 1 1.68 1.85 21.76
N ILE A 2 2.97 2.03 21.47
CA ILE A 2 3.53 1.56 20.19
C ILE A 2 4.68 0.60 20.44
N SER A 3 4.84 -0.35 19.52
CA SER A 3 5.88 -1.36 19.62
C SER A 3 7.18 -0.92 18.96
N ILE A 4 8.28 -1.11 19.68
CA ILE A 4 9.61 -0.79 19.19
C ILE A 4 10.22 -2.14 18.81
N LYS A 5 10.44 -2.36 17.53
CA LYS A 5 11.02 -3.63 17.08
C LYS A 5 12.49 -3.74 17.43
N THR A 6 12.91 -4.94 17.83
CA THR A 6 14.30 -5.19 18.16
C THR A 6 15.07 -5.29 16.85
N PRO A 7 16.40 -5.14 16.90
CA PRO A 7 17.20 -5.23 15.67
C PRO A 7 16.92 -6.54 14.94
N GLU A 8 16.74 -7.61 15.72
CA GLU A 8 16.47 -8.91 15.17
C GLU A 8 15.11 -8.96 14.49
N ASP A 9 14.12 -8.33 15.10
CA ASP A 9 12.78 -8.30 14.52
C ASP A 9 12.77 -7.46 13.25
N ILE A 10 13.59 -6.41 13.25
CA ILE A 10 13.69 -5.54 12.09
C ILE A 10 14.24 -6.31 10.90
N GLU A 11 15.23 -7.16 11.15
CA GLU A 11 15.82 -7.97 10.08
C GLU A 11 14.75 -8.93 9.54
N LYS A 12 13.91 -9.45 10.43
CA LYS A 12 12.85 -10.34 10.00
C LYS A 12 11.86 -9.55 9.16
N MET A 13 11.67 -8.28 9.52
CA MET A 13 10.76 -7.42 8.77
C MET A 13 11.38 -7.11 7.40
N ARG A 14 12.71 -7.06 7.33
CA ARG A 14 13.36 -6.79 6.06
C ARG A 14 13.11 -7.96 5.11
N VAL A 15 13.19 -9.17 5.66
CA VAL A 15 12.97 -10.38 4.87
C VAL A 15 11.54 -10.42 4.35
N ALA A 16 10.58 -10.21 5.25
CA ALA A 16 9.17 -10.24 4.89
C ALA A 16 8.83 -9.10 3.93
N GLY A 17 9.42 -7.95 4.15
CA GLY A 17 9.17 -6.80 3.30
C GLY A 17 9.69 -7.05 1.90
N ARG A 18 10.86 -7.67 1.82
CA ARG A 18 11.47 -7.97 0.53
C ARG A 18 10.59 -8.95 -0.23
N LEU A 19 10.08 -9.97 0.46
CA LEU A 19 9.22 -10.95 -0.19
C LEU A 19 7.96 -10.31 -0.75
N ALA A 20 7.34 -9.43 0.02
CA ALA A 20 6.12 -8.75 -0.43
C ALA A 20 6.42 -7.95 -1.69
N ALA A 21 7.53 -7.22 -1.68
CA ALA A 21 7.93 -6.41 -2.83
C ALA A 21 8.21 -7.29 -4.04
N GLU A 22 8.83 -8.43 -3.81
CA GLU A 22 9.16 -9.35 -4.89
C GLU A 22 7.92 -9.98 -5.54
N VAL A 23 6.81 -10.04 -4.82
CA VAL A 23 5.60 -10.60 -5.41
C VAL A 23 5.17 -9.60 -6.50
N LEU A 24 5.26 -8.31 -6.19
CA LEU A 24 4.89 -7.27 -7.14
C LEU A 24 5.83 -7.23 -8.34
N GLU A 25 7.12 -7.45 -8.12
CA GLU A 25 8.08 -7.42 -9.22
C GLU A 25 7.86 -8.66 -10.09
N MET A 26 7.41 -9.75 -9.48
CA MET A 26 7.17 -10.99 -10.20
C MET A 26 5.92 -10.94 -11.08
N ILE A 27 4.85 -10.35 -10.54
CA ILE A 27 3.59 -10.30 -11.27
C ILE A 27 3.56 -9.34 -12.45
N GLU A 28 4.41 -8.32 -12.40
CA GLU A 28 4.49 -7.30 -13.45
C GLU A 28 4.27 -7.78 -14.90
N PRO A 29 5.06 -8.75 -15.38
CA PRO A 29 4.90 -9.23 -16.75
C PRO A 29 3.55 -9.84 -17.11
N TYR A 30 2.78 -10.23 -16.10
CA TYR A 30 1.48 -10.85 -16.34
C TYR A 30 0.34 -9.86 -16.39
N VAL A 31 0.60 -8.62 -15.96
CA VAL A 31 -0.46 -7.60 -15.95
C VAL A 31 -0.64 -7.07 -17.35
N LYS A 32 -1.40 -7.82 -18.15
CA LYS A 32 -1.65 -7.50 -19.55
C LYS A 32 -3.13 -7.48 -19.91
N PRO A 33 -3.48 -6.81 -21.01
CA PRO A 33 -4.88 -6.76 -21.42
C PRO A 33 -5.35 -8.20 -21.63
N GLY A 34 -6.57 -8.51 -21.19
CA GLY A 34 -7.09 -9.86 -21.38
C GLY A 34 -6.90 -10.81 -20.22
N VAL A 35 -5.95 -10.53 -19.33
CA VAL A 35 -5.73 -11.42 -18.19
C VAL A 35 -6.81 -11.18 -17.13
N SER A 36 -7.20 -12.23 -16.42
CA SER A 36 -8.22 -12.11 -15.38
C SER A 36 -7.54 -11.83 -14.05
N THR A 37 -8.24 -11.13 -13.16
CA THR A 37 -7.67 -10.84 -11.86
C THR A 37 -7.59 -12.14 -11.07
N GLY A 38 -8.46 -13.09 -11.40
CA GLY A 38 -8.43 -14.38 -10.73
C GLY A 38 -7.13 -15.09 -11.04
N GLU A 39 -6.71 -15.04 -12.30
CA GLU A 39 -5.46 -15.67 -12.73
C GLU A 39 -4.27 -15.00 -12.03
N LEU A 40 -4.30 -13.68 -11.95
CA LEU A 40 -3.20 -12.95 -11.29
C LEU A 40 -3.08 -13.39 -9.83
N ASP A 41 -4.22 -13.57 -9.18
CA ASP A 41 -4.24 -13.99 -7.77
C ASP A 41 -3.66 -15.39 -7.60
N ARG A 42 -3.98 -16.30 -8.51
CA ARG A 42 -3.46 -17.66 -8.41
C ARG A 42 -1.95 -17.66 -8.60
N ILE A 43 -1.48 -16.83 -9.53
CA ILE A 43 -0.04 -16.75 -9.78
C ILE A 43 0.67 -16.24 -8.52
N CYS A 44 0.09 -15.22 -7.90
CA CYS A 44 0.67 -14.66 -6.68
C CYS A 44 0.68 -15.68 -5.55
N ASN A 45 -0.44 -16.37 -5.34
CA ASN A 45 -0.47 -17.34 -4.25
C ASN A 45 0.51 -18.47 -4.46
N ASP A 46 0.57 -19.02 -5.67
CA ASP A 46 1.50 -20.10 -5.93
C ASP A 46 2.93 -19.64 -5.65
N TYR A 47 3.24 -18.40 -6.03
CA TYR A 47 4.58 -17.87 -5.81
C TYR A 47 4.88 -17.73 -4.32
N ILE A 48 3.95 -17.12 -3.59
CA ILE A 48 4.10 -16.93 -2.16
C ILE A 48 4.28 -18.26 -1.44
N VAL A 49 3.42 -19.22 -1.77
CA VAL A 49 3.46 -20.54 -1.13
C VAL A 49 4.57 -21.49 -1.59
N ASN A 50 4.67 -21.72 -2.90
CA ASN A 50 5.66 -22.65 -3.42
C ASN A 50 7.10 -22.17 -3.57
N GLU A 51 7.29 -20.87 -3.82
CA GLU A 51 8.64 -20.37 -3.99
C GLU A 51 9.18 -19.59 -2.82
N GLN A 52 8.36 -18.71 -2.24
CA GLN A 52 8.82 -17.93 -1.09
C GLN A 52 8.68 -18.71 0.22
N HIS A 53 7.88 -19.77 0.18
CA HIS A 53 7.64 -20.58 1.37
C HIS A 53 7.11 -19.68 2.48
N ALA A 54 6.18 -18.81 2.12
CA ALA A 54 5.56 -17.88 3.04
C ALA A 54 4.05 -18.07 2.98
N VAL A 55 3.32 -17.19 3.65
CA VAL A 55 1.87 -17.28 3.67
C VAL A 55 1.23 -15.92 3.44
N SER A 56 0.13 -15.91 2.70
CA SER A 56 -0.59 -14.67 2.45
C SER A 56 -1.40 -14.31 3.68
N ALA A 57 -1.25 -13.08 4.14
CA ALA A 57 -1.99 -12.62 5.32
C ALA A 57 -3.43 -12.26 4.95
N CYS A 58 -3.74 -12.23 3.66
CA CYS A 58 -5.10 -11.91 3.21
C CYS A 58 -6.03 -13.11 3.20
N LEU A 59 -5.49 -14.27 2.86
CA LEU A 59 -6.28 -15.49 2.79
C LEU A 59 -6.94 -15.85 4.12
N GLY A 60 -8.26 -15.84 4.13
CA GLY A 60 -8.99 -16.17 5.34
C GLY A 60 -9.21 -15.01 6.28
N TYR A 61 -8.55 -13.88 6.03
CA TYR A 61 -8.67 -12.70 6.87
C TYR A 61 -10.13 -12.25 6.90
N HIS A 62 -10.79 -12.46 8.04
CA HIS A 62 -12.19 -12.11 8.21
C HIS A 62 -13.04 -12.81 7.15
N GLY A 63 -12.56 -13.96 6.69
CA GLY A 63 -13.29 -14.72 5.69
C GLY A 63 -12.93 -14.44 4.25
N TYR A 64 -12.01 -13.50 4.01
CA TYR A 64 -11.61 -13.16 2.65
C TYR A 64 -11.14 -14.44 1.96
N PRO A 65 -11.67 -14.71 0.76
CA PRO A 65 -11.34 -15.91 -0.03
C PRO A 65 -10.10 -15.93 -0.90
N LYS A 66 -9.47 -14.78 -1.14
CA LYS A 66 -8.30 -14.75 -2.00
C LYS A 66 -6.98 -14.42 -1.29
N SER A 67 -5.88 -14.42 -2.05
CA SER A 67 -4.55 -14.19 -1.50
C SER A 67 -4.04 -12.76 -1.58
N VAL A 68 -4.57 -12.00 -2.52
CA VAL A 68 -4.18 -10.60 -2.67
C VAL A 68 -5.44 -9.82 -3.00
N CYS A 69 -5.35 -8.50 -2.92
CA CYS A 69 -6.48 -7.63 -3.26
C CYS A 69 -6.11 -6.95 -4.56
N ILE A 70 -7.02 -7.00 -5.52
CA ILE A 70 -6.79 -6.38 -6.82
C ILE A 70 -7.93 -5.43 -7.10
N SER A 71 -7.61 -4.15 -7.21
CA SER A 71 -8.61 -3.11 -7.43
C SER A 71 -8.36 -2.38 -8.74
N ILE A 72 -9.40 -2.31 -9.58
CA ILE A 72 -9.32 -1.66 -10.88
C ILE A 72 -10.14 -0.38 -10.98
N ASN A 73 -9.52 0.65 -11.58
CA ASN A 73 -10.16 1.94 -11.82
C ASN A 73 -10.96 2.60 -10.69
N GLU A 74 -12.28 2.55 -10.75
CA GLU A 74 -13.10 3.18 -9.72
C GLU A 74 -13.09 2.44 -8.39
N VAL A 75 -12.60 1.20 -8.39
CA VAL A 75 -12.53 0.43 -7.16
C VAL A 75 -11.41 1.02 -6.32
N VAL A 76 -11.72 1.41 -5.09
CA VAL A 76 -10.77 2.03 -4.19
C VAL A 76 -9.83 1.04 -3.51
N CYS A 77 -10.40 -0.05 -3.02
CA CYS A 77 -9.60 -1.07 -2.35
C CYS A 77 -10.39 -2.35 -2.14
N HIS A 78 -9.69 -3.36 -1.68
CA HIS A 78 -10.26 -4.66 -1.36
C HIS A 78 -10.97 -5.36 -2.51
N GLY A 79 -10.57 -5.05 -3.75
CA GLY A 79 -11.17 -5.70 -4.90
C GLY A 79 -10.87 -7.19 -4.83
N ILE A 80 -11.86 -8.02 -5.13
CA ILE A 80 -11.70 -9.47 -5.07
C ILE A 80 -11.33 -10.11 -6.40
N PRO A 81 -10.18 -10.82 -6.46
CA PRO A 81 -9.80 -11.47 -7.72
C PRO A 81 -10.95 -12.34 -8.20
N ASP A 82 -11.22 -12.27 -9.50
CA ASP A 82 -12.31 -13.05 -10.08
C ASP A 82 -11.90 -13.48 -11.49
N ASP A 83 -12.20 -14.74 -11.82
CA ASP A 83 -11.84 -15.27 -13.15
C ASP A 83 -12.59 -14.58 -14.28
N ALA A 84 -13.70 -13.93 -13.96
CA ALA A 84 -14.50 -13.24 -14.98
C ALA A 84 -14.12 -11.79 -15.21
N LYS A 85 -13.32 -11.22 -14.31
CA LYS A 85 -12.92 -9.82 -14.45
C LYS A 85 -11.60 -9.72 -15.23
N LEU A 86 -11.69 -9.20 -16.44
CA LEU A 86 -10.53 -9.08 -17.30
C LEU A 86 -9.98 -7.66 -17.37
N LEU A 87 -8.66 -7.56 -17.38
CA LEU A 87 -8.03 -6.24 -17.48
C LEU A 87 -8.09 -5.82 -18.94
N LYS A 88 -8.00 -4.52 -19.19
CA LYS A 88 -8.05 -4.01 -20.55
C LYS A 88 -7.20 -2.76 -20.68
N ASP A 89 -6.90 -2.39 -21.92
CA ASP A 89 -6.11 -1.20 -22.18
C ASP A 89 -6.67 0.02 -21.46
N GLY A 90 -5.79 0.76 -20.82
CA GLY A 90 -6.18 1.98 -20.12
C GLY A 90 -6.47 1.81 -18.63
N ASP A 91 -6.72 0.57 -18.20
CA ASP A 91 -7.01 0.31 -16.80
C ASP A 91 -5.86 0.66 -15.88
N ILE A 92 -6.17 1.15 -14.68
CA ILE A 92 -5.15 1.40 -13.68
C ILE A 92 -5.53 0.32 -12.69
N VAL A 93 -4.56 -0.43 -12.22
CA VAL A 93 -4.85 -1.52 -11.31
C VAL A 93 -3.89 -1.56 -10.13
N ASN A 94 -4.44 -1.75 -8.94
CA ASN A 94 -3.62 -1.86 -7.75
C ASN A 94 -3.63 -3.31 -7.32
N ILE A 95 -2.45 -3.84 -7.02
CA ILE A 95 -2.34 -5.20 -6.51
C ILE A 95 -1.71 -4.98 -5.15
N ASP A 96 -2.41 -5.41 -4.11
CA ASP A 96 -1.95 -5.22 -2.75
C ASP A 96 -1.57 -6.56 -2.14
N VAL A 97 -0.33 -6.64 -1.69
CA VAL A 97 0.24 -7.85 -1.12
C VAL A 97 0.66 -7.75 0.34
N THR A 98 0.44 -8.84 1.08
CA THR A 98 0.89 -8.91 2.45
C THR A 98 1.26 -10.36 2.71
N VAL A 99 2.54 -10.59 3.00
CA VAL A 99 3.00 -11.94 3.26
C VAL A 99 3.55 -12.04 4.68
N ILE A 100 3.48 -13.25 5.23
CA ILE A 100 3.98 -13.50 6.56
C ILE A 100 5.15 -14.47 6.39
N LYS A 101 6.29 -14.12 6.98
CA LYS A 101 7.47 -14.95 6.91
C LYS A 101 8.20 -14.90 8.23
N ASP A 102 8.46 -16.08 8.81
CA ASP A 102 9.16 -16.16 10.09
C ASP A 102 8.41 -15.36 11.16
N GLY A 103 7.09 -15.34 11.04
CA GLY A 103 6.25 -14.64 12.00
C GLY A 103 6.01 -13.16 11.80
N PHE A 104 6.68 -12.55 10.81
CA PHE A 104 6.50 -11.12 10.57
C PHE A 104 5.87 -10.77 9.21
N HIS A 105 5.14 -9.66 9.20
CA HIS A 105 4.44 -9.21 7.99
C HIS A 105 5.16 -8.17 7.13
N GLY A 106 4.97 -8.31 5.82
CA GLY A 106 5.52 -7.38 4.84
C GLY A 106 4.28 -6.93 4.08
N ASP A 107 4.04 -5.62 4.03
CA ASP A 107 2.82 -5.10 3.38
C ASP A 107 3.15 -4.03 2.34
N THR A 108 2.69 -4.23 1.11
CA THR A 108 2.99 -3.27 0.05
C THR A 108 2.06 -3.42 -1.16
N SER A 109 1.87 -2.34 -1.89
CA SER A 109 1.03 -2.37 -3.08
C SER A 109 1.52 -1.30 -4.06
N LYS A 110 1.16 -1.47 -5.32
CA LYS A 110 1.55 -0.48 -6.33
C LYS A 110 0.49 -0.48 -7.40
N MET A 111 0.50 0.58 -8.21
CA MET A 111 -0.42 0.71 -9.31
C MET A 111 0.28 0.20 -10.56
N PHE A 112 -0.49 -0.39 -11.45
CA PHE A 112 0.02 -0.88 -12.72
C PHE A 112 -0.91 -0.28 -13.75
N ILE A 113 -0.37 0.20 -14.87
CA ILE A 113 -1.24 0.72 -15.92
C ILE A 113 -1.22 -0.34 -17.00
N VAL A 114 -2.42 -0.76 -17.41
CA VAL A 114 -2.56 -1.81 -18.40
C VAL A 114 -2.54 -1.32 -19.86
N GLY A 115 -1.68 -1.93 -20.66
CA GLY A 115 -1.58 -1.57 -22.06
C GLY A 115 -1.40 -0.08 -22.30
N LYS A 116 -2.15 0.45 -23.26
CA LYS A 116 -2.06 1.88 -23.56
C LYS A 116 -2.64 2.69 -22.42
N PRO A 117 -1.80 3.52 -21.79
CA PRO A 117 -2.29 4.33 -20.66
C PRO A 117 -3.13 5.52 -21.08
N THR A 118 -3.90 6.04 -20.13
CA THR A 118 -4.70 7.23 -20.35
C THR A 118 -3.95 8.28 -19.55
N ILE A 119 -3.94 9.51 -20.04
CA ILE A 119 -3.25 10.58 -19.37
C ILE A 119 -3.73 10.81 -17.94
N MET A 120 -5.05 10.78 -17.76
CA MET A 120 -5.61 11.00 -16.43
C MET A 120 -5.23 9.87 -15.48
N GLY A 121 -5.22 8.65 -16.01
CA GLY A 121 -4.85 7.51 -15.19
C GLY A 121 -3.41 7.64 -14.72
N GLU A 122 -2.52 7.98 -15.64
CA GLU A 122 -1.11 8.15 -15.32
C GLU A 122 -0.90 9.25 -14.29
N ARG A 123 -1.61 10.36 -14.45
CA ARG A 123 -1.48 11.49 -13.53
C ARG A 123 -1.92 11.11 -12.12
N LEU A 124 -3.09 10.48 -12.01
CA LEU A 124 -3.60 10.08 -10.71
C LEU A 124 -2.60 9.16 -10.02
N CYS A 125 -2.07 8.19 -10.76
CA CYS A 125 -1.10 7.27 -10.20
C CYS A 125 0.18 8.00 -9.79
N ARG A 126 0.66 8.90 -10.66
CA ARG A 126 1.88 9.65 -10.36
C ARG A 126 1.75 10.47 -9.09
N ILE A 127 0.65 11.23 -8.99
CA ILE A 127 0.43 12.06 -7.81
C ILE A 127 0.29 11.22 -6.55
N THR A 128 -0.40 10.08 -6.65
CA THR A 128 -0.57 9.22 -5.49
C THR A 128 0.78 8.73 -5.00
N GLN A 129 1.63 8.26 -5.92
CA GLN A 129 2.94 7.77 -5.50
C GLN A 129 3.75 8.94 -4.93
N GLU A 130 3.61 10.11 -5.53
CA GLU A 130 4.33 11.28 -5.05
C GLU A 130 3.89 11.64 -3.63
N SER A 131 2.60 11.44 -3.33
CA SER A 131 2.12 11.76 -1.99
C SER A 131 2.72 10.76 -0.98
N LEU A 132 2.92 9.51 -1.41
CA LEU A 132 3.52 8.52 -0.54
C LEU A 132 4.98 8.89 -0.31
N TYR A 133 5.66 9.26 -1.40
CA TYR A 133 7.06 9.64 -1.33
C TYR A 133 7.33 10.85 -0.44
N LEU A 134 6.49 11.88 -0.56
CA LEU A 134 6.69 13.07 0.26
C LEU A 134 6.52 12.71 1.73
N ALA A 135 5.60 11.78 2.01
CA ALA A 135 5.37 11.35 3.38
C ALA A 135 6.59 10.59 3.90
N LEU A 136 7.13 9.70 3.06
CA LEU A 136 8.30 8.92 3.45
C LEU A 136 9.48 9.83 3.77
N ARG A 137 9.64 10.88 2.98
CA ARG A 137 10.75 11.80 3.19
C ARG A 137 10.64 12.59 4.49
N MET A 138 9.46 12.58 5.10
CA MET A 138 9.25 13.30 6.36
C MET A 138 9.51 12.45 7.59
N VAL A 139 9.47 11.13 7.43
CA VAL A 139 9.67 10.23 8.56
C VAL A 139 11.03 10.28 9.24
N LYS A 140 11.01 10.59 10.53
CA LYS A 140 12.22 10.65 11.35
C LYS A 140 11.81 10.80 12.81
N PRO A 141 12.69 10.42 13.75
CA PRO A 141 12.34 10.55 15.16
C PRO A 141 11.91 11.97 15.54
N GLY A 142 10.90 12.07 16.40
CA GLY A 142 10.45 13.37 16.84
C GLY A 142 9.31 14.02 16.06
N ILE A 143 9.10 13.59 14.83
CA ILE A 143 8.02 14.17 14.04
C ILE A 143 6.71 13.51 14.41
N ASN A 144 5.61 14.24 14.30
CA ASN A 144 4.30 13.70 14.62
C ASN A 144 3.63 13.17 13.37
N LEU A 145 2.94 12.03 13.50
CA LEU A 145 2.25 11.45 12.36
C LEU A 145 1.21 12.41 11.79
N ARG A 146 0.69 13.30 12.64
CA ARG A 146 -0.29 14.26 12.17
C ARG A 146 0.31 15.15 11.10
N GLU A 147 1.56 15.57 11.31
CA GLU A 147 2.23 16.45 10.34
C GLU A 147 2.30 15.76 8.97
N ILE A 148 2.57 14.46 8.99
CA ILE A 148 2.67 13.68 7.76
C ILE A 148 1.32 13.56 7.07
N GLY A 149 0.29 13.23 7.85
CA GLY A 149 -1.03 13.11 7.28
C GLY A 149 -1.48 14.43 6.67
N ALA A 150 -1.20 15.52 7.38
CA ALA A 150 -1.58 16.85 6.91
C ALA A 150 -0.88 17.20 5.60
N ALA A 151 0.38 16.81 5.48
CA ALA A 151 1.17 17.09 4.28
C ALA A 151 0.64 16.33 3.06
N ILE A 152 0.26 15.08 3.28
CA ILE A 152 -0.27 14.25 2.21
C ILE A 152 -1.55 14.89 1.67
N GLN A 153 -2.44 15.24 2.59
CA GLN A 153 -3.71 15.87 2.20
C GLN A 153 -3.52 17.17 1.44
N LYS A 154 -2.63 18.04 1.93
CA LYS A 154 -2.39 19.31 1.27
C LYS A 154 -1.91 19.11 -0.17
N PHE A 155 -0.97 18.19 -0.36
CA PHE A 155 -0.42 17.92 -1.68
C PHE A 155 -1.48 17.38 -2.64
N VAL A 156 -2.21 16.36 -2.20
CA VAL A 156 -3.25 15.75 -3.00
C VAL A 156 -4.36 16.71 -3.41
N GLU A 157 -4.86 17.50 -2.47
CA GLU A 157 -5.94 18.43 -2.77
C GLU A 157 -5.51 19.56 -3.71
N ALA A 158 -4.25 19.95 -3.64
CA ALA A 158 -3.74 21.01 -4.50
C ALA A 158 -3.78 20.54 -5.94
N GLU A 159 -3.74 19.22 -6.13
CA GLU A 159 -3.78 18.64 -7.48
C GLU A 159 -5.21 18.41 -7.96
N GLY A 160 -6.18 18.77 -7.12
CA GLY A 160 -7.58 18.60 -7.50
C GLY A 160 -8.13 17.23 -7.19
N PHE A 161 -7.39 16.46 -6.39
CA PHE A 161 -7.82 15.12 -6.01
C PHE A 161 -8.21 15.13 -4.53
N SER A 162 -8.68 13.99 -4.03
CA SER A 162 -9.09 13.89 -2.63
C SER A 162 -8.51 12.65 -1.95
N VAL A 163 -8.44 12.69 -0.63
CA VAL A 163 -7.91 11.57 0.14
C VAL A 163 -9.03 10.82 0.84
N VAL A 164 -9.04 9.50 0.68
CA VAL A 164 -10.04 8.64 1.30
C VAL A 164 -9.80 8.66 2.80
N ARG A 165 -10.85 8.94 3.56
CA ARG A 165 -10.77 9.04 5.02
C ARG A 165 -11.02 7.74 5.78
N GLU A 166 -11.76 6.83 5.17
CA GLU A 166 -12.13 5.57 5.81
C GLU A 166 -11.01 4.56 6.09
N TYR A 167 -9.90 4.68 5.38
CA TYR A 167 -8.79 3.74 5.59
C TYR A 167 -7.49 4.44 5.93
N CYS A 168 -6.56 3.71 6.54
CA CYS A 168 -5.30 4.30 6.95
C CYS A 168 -4.13 3.35 7.00
N GLY A 169 -2.94 3.93 7.19
CA GLY A 169 -1.72 3.14 7.33
C GLY A 169 -1.79 2.54 8.72
N HIS A 170 -0.81 1.73 9.08
CA HIS A 170 -0.88 1.07 10.38
C HIS A 170 0.44 0.46 10.82
N GLY A 171 0.56 0.26 12.13
CA GLY A 171 1.75 -0.38 12.66
C GLY A 171 1.69 -1.80 12.11
N ILE A 172 2.84 -2.47 12.08
CA ILE A 172 2.88 -3.82 11.54
C ILE A 172 4.05 -4.58 12.14
N GLY A 173 3.90 -5.90 12.28
CA GLY A 173 4.96 -6.73 12.85
C GLY A 173 4.48 -8.16 12.88
N ARG A 174 4.32 -8.72 14.08
CA ARG A 174 3.82 -10.08 14.19
C ARG A 174 2.33 -10.03 13.89
N GLY A 175 1.77 -8.83 13.90
CA GLY A 175 0.37 -8.62 13.58
C GLY A 175 0.24 -7.88 12.26
N PHE A 176 -0.78 -8.21 11.48
CA PHE A 176 -1.04 -7.58 10.19
C PHE A 176 -1.23 -6.08 10.43
N HIS A 177 -2.20 -5.74 11.28
CA HIS A 177 -2.47 -4.35 11.62
C HIS A 177 -2.28 -4.15 13.12
N GLU A 178 -1.36 -3.25 13.47
CA GLU A 178 -1.08 -2.94 14.87
C GLU A 178 -1.13 -1.43 15.02
N GLU A 179 -1.04 -0.94 16.24
CA GLU A 179 -1.03 0.50 16.45
C GLU A 179 0.35 0.98 15.99
N PRO A 180 0.46 2.26 15.59
CA PRO A 180 -0.58 3.28 15.55
C PRO A 180 -1.33 3.31 14.22
N GLN A 181 -2.37 4.13 14.15
CA GLN A 181 -3.12 4.29 12.91
C GLN A 181 -2.43 5.44 12.19
N VAL A 182 -2.21 5.29 10.90
CA VAL A 182 -1.55 6.34 10.13
C VAL A 182 -2.52 6.97 9.14
N LEU A 183 -3.25 7.98 9.60
CA LEU A 183 -4.20 8.67 8.75
C LEU A 183 -3.44 9.46 7.70
N HIS A 184 -4.01 9.55 6.50
CA HIS A 184 -3.35 10.29 5.42
C HIS A 184 -3.97 11.67 5.23
N TYR A 185 -4.40 12.26 6.34
CA TYR A 185 -5.00 13.59 6.33
C TYR A 185 -4.90 14.17 7.73
N ASP A 186 -5.14 15.48 7.85
CA ASP A 186 -5.03 16.13 9.14
C ASP A 186 -6.16 15.73 10.08
N SER A 187 -5.80 15.38 11.31
CA SER A 187 -6.78 14.97 12.29
C SER A 187 -6.37 15.32 13.72
N ARG A 188 -7.29 15.94 14.44
CA ARG A 188 -7.05 16.31 15.83
C ARG A 188 -6.89 15.07 16.70
N GLU A 189 -7.28 13.92 16.18
CA GLU A 189 -7.15 12.67 16.93
C GLU A 189 -5.76 12.07 16.84
N THR A 190 -4.96 12.60 15.92
CA THR A 190 -3.60 12.09 15.73
C THR A 190 -2.57 12.86 16.52
N ASN A 191 -1.86 12.14 17.38
CA ASN A 191 -0.79 12.73 18.18
C ASN A 191 0.19 11.60 18.50
N VAL A 192 0.99 11.24 17.51
CA VAL A 192 1.96 10.17 17.67
C VAL A 192 3.34 10.66 17.24
N VAL A 193 4.26 10.71 18.19
CA VAL A 193 5.62 11.16 17.91
C VAL A 193 6.46 9.93 17.61
N LEU A 194 7.12 9.93 16.46
CA LEU A 194 7.93 8.79 16.04
C LEU A 194 9.20 8.54 16.85
N LYS A 195 9.56 7.26 16.95
CA LYS A 195 10.72 6.79 17.71
C LYS A 195 11.43 5.75 16.86
N PRO A 196 12.76 5.64 16.97
CA PRO A 196 13.47 4.63 16.18
C PRO A 196 12.97 3.24 16.55
N GLY A 197 12.83 2.36 15.56
CA GLY A 197 12.38 1.01 15.84
C GLY A 197 10.92 0.77 15.52
N MET A 198 10.15 1.85 15.36
CA MET A 198 8.74 1.70 15.03
C MET A 198 8.61 1.27 13.58
N THR A 199 7.73 0.31 13.31
CA THR A 199 7.50 -0.15 11.95
C THR A 199 6.03 0.04 11.61
N PHE A 200 5.76 0.68 10.48
CA PHE A 200 4.38 0.93 10.07
C PHE A 200 4.31 1.17 8.57
N THR A 201 3.10 1.26 8.06
CA THR A 201 2.89 1.49 6.64
C THR A 201 2.33 2.87 6.37
N ILE A 202 2.51 3.32 5.13
CA ILE A 202 1.94 4.58 4.66
C ILE A 202 1.33 4.07 3.36
N GLU A 203 0.04 4.34 3.17
CA GLU A 203 -0.67 3.82 2.01
C GLU A 203 -1.88 4.66 1.63
N PRO A 204 -1.65 5.90 1.21
CA PRO A 204 -2.77 6.76 0.83
C PRO A 204 -3.60 6.27 -0.34
N MET A 205 -4.92 6.43 -0.20
CA MET A 205 -5.87 6.07 -1.24
C MET A 205 -6.34 7.43 -1.74
N VAL A 206 -6.12 7.70 -3.02
CA VAL A 206 -6.48 9.00 -3.60
C VAL A 206 -7.51 8.89 -4.72
N ASN A 207 -8.57 9.69 -4.62
CA ASN A 207 -9.62 9.67 -5.65
C ASN A 207 -9.44 10.86 -6.58
N ALA A 208 -9.74 10.65 -7.86
CA ALA A 208 -9.63 11.73 -8.84
C ALA A 208 -10.77 12.70 -8.60
N GLY A 209 -11.89 12.17 -8.13
CA GLY A 209 -13.06 12.98 -7.85
C GLY A 209 -13.23 13.27 -6.36
N LYS A 210 -14.44 13.06 -5.85
CA LYS A 210 -14.74 13.31 -4.45
C LYS A 210 -14.27 12.18 -3.53
N LYS A 211 -14.06 12.51 -2.26
CA LYS A 211 -13.57 11.56 -1.27
C LYS A 211 -14.53 10.45 -0.85
N GLU A 212 -15.83 10.69 -0.96
CA GLU A 212 -16.82 9.70 -0.57
C GLU A 212 -16.70 8.35 -1.26
N ILE A 213 -16.83 7.27 -0.49
CA ILE A 213 -16.74 5.92 -1.03
C ILE A 213 -17.98 5.11 -0.70
N ARG A 214 -18.05 3.90 -1.24
CA ARG A 214 -19.20 3.04 -1.05
C ARG A 214 -18.75 1.57 -1.08
N THR A 215 -19.32 0.75 -0.20
CA THR A 215 -18.97 -0.66 -0.18
C THR A 215 -20.04 -1.45 -0.93
N MET A 216 -19.57 -2.36 -1.78
CA MET A 216 -20.47 -3.18 -2.60
C MET A 216 -21.15 -4.26 -1.78
N LYS A 217 -22.21 -4.84 -2.33
CA LYS A 217 -22.95 -5.86 -1.61
C LYS A 217 -22.25 -7.22 -1.53
N ASP A 218 -21.08 -7.33 -2.16
CA ASP A 218 -20.34 -8.58 -2.09
C ASP A 218 -19.57 -8.63 -0.78
N GLY A 219 -19.71 -7.56 0.01
CA GLY A 219 -19.07 -7.49 1.31
C GLY A 219 -17.59 -7.16 1.35
N TRP A 220 -16.97 -6.91 0.20
CA TRP A 220 -15.53 -6.61 0.18
C TRP A 220 -15.16 -5.38 -0.67
N THR A 221 -15.60 -5.38 -1.91
CA THR A 221 -15.29 -4.31 -2.85
C THR A 221 -15.73 -2.92 -2.43
N VAL A 222 -14.78 -1.97 -2.46
CA VAL A 222 -15.05 -0.58 -2.11
C VAL A 222 -14.80 0.26 -3.37
N LYS A 223 -15.76 1.12 -3.70
CA LYS A 223 -15.62 1.97 -4.88
C LYS A 223 -15.87 3.43 -4.53
N THR A 224 -15.49 4.32 -5.44
CA THR A 224 -15.72 5.74 -5.22
C THR A 224 -17.22 5.97 -5.42
N LYS A 225 -17.81 6.82 -4.58
CA LYS A 225 -19.24 7.10 -4.69
C LYS A 225 -19.59 7.75 -6.03
N ASP A 226 -18.69 8.58 -6.55
CA ASP A 226 -18.93 9.26 -7.83
C ASP A 226 -18.37 8.51 -9.02
N ARG A 227 -17.88 7.29 -8.77
CA ARG A 227 -17.31 6.45 -9.81
C ARG A 227 -16.07 7.01 -10.49
N SER A 228 -15.37 7.90 -9.80
CA SER A 228 -14.14 8.47 -10.35
C SER A 228 -13.02 7.47 -10.09
N LEU A 229 -11.88 7.68 -10.74
CA LEU A 229 -10.74 6.80 -10.56
C LEU A 229 -10.16 6.97 -9.17
N SER A 230 -9.53 5.91 -8.66
CA SER A 230 -8.89 5.95 -7.34
C SER A 230 -7.59 5.18 -7.43
N ALA A 231 -6.55 5.66 -6.75
CA ALA A 231 -5.26 4.99 -6.82
C ALA A 231 -4.62 4.89 -5.43
N GLN A 232 -3.71 3.94 -5.28
CA GLN A 232 -3.03 3.74 -4.00
C GLN A 232 -1.66 3.08 -4.18
N TYR A 233 -0.72 3.47 -3.32
CA TYR A 233 0.61 2.88 -3.27
C TYR A 233 0.89 2.70 -1.79
N GLU A 234 1.60 1.64 -1.44
CA GLU A 234 1.91 1.35 -0.06
C GLU A 234 3.32 0.82 0.15
N HIS A 235 3.94 1.24 1.24
CA HIS A 235 5.27 0.77 1.60
C HIS A 235 5.31 0.54 3.11
N THR A 236 6.09 -0.44 3.54
CA THR A 236 6.28 -0.74 4.95
C THR A 236 7.64 -0.16 5.27
N ILE A 237 7.74 0.56 6.39
CA ILE A 237 9.01 1.19 6.76
C ILE A 237 9.34 1.01 8.24
N VAL A 238 10.59 1.29 8.59
CA VAL A 238 11.03 1.24 9.96
C VAL A 238 11.69 2.59 10.23
N VAL A 239 11.42 3.16 11.39
CA VAL A 239 12.01 4.44 11.75
C VAL A 239 13.43 4.19 12.25
N THR A 240 14.37 5.01 11.78
CA THR A 240 15.78 4.87 12.18
C THR A 240 16.19 6.07 13.02
N ASP A 241 17.46 6.11 13.43
CA ASP A 241 17.94 7.21 14.24
C ASP A 241 17.90 8.56 13.53
N ASN A 242 18.08 8.57 12.21
CA ASN A 242 18.07 9.83 11.49
C ASN A 242 17.11 9.90 10.32
N GLY A 243 16.09 9.05 10.34
CA GLY A 243 15.12 9.06 9.26
C GLY A 243 14.33 7.76 9.22
N CYS A 244 14.34 7.08 8.09
CA CYS A 244 13.64 5.81 7.98
C CYS A 244 14.27 4.91 6.93
N GLU A 245 13.85 3.66 6.93
CA GLU A 245 14.32 2.68 5.97
C GLU A 245 13.09 2.02 5.38
N ILE A 246 13.00 2.02 4.06
CA ILE A 246 11.87 1.41 3.37
C ILE A 246 12.18 -0.08 3.25
N LEU A 247 11.29 -0.92 3.74
CA LEU A 247 11.49 -2.36 3.73
C LEU A 247 10.88 -3.09 2.54
N THR A 248 10.05 -2.40 1.77
CA THR A 248 9.39 -3.00 0.63
C THR A 248 9.76 -2.33 -0.70
N LEU A 249 10.95 -1.74 -0.76
CA LEU A 249 11.38 -1.06 -1.96
C LEU A 249 11.51 -2.00 -3.15
N ARG A 250 11.17 -1.49 -4.33
CA ARG A 250 11.26 -2.26 -5.58
C ARG A 250 12.26 -1.59 -6.50
N LYS A 251 12.65 -2.31 -7.55
CA LYS A 251 13.57 -1.81 -8.55
C LYS A 251 13.01 -0.56 -9.23
N ASP A 252 11.70 -0.51 -9.42
CA ASP A 252 11.09 0.63 -10.10
C ASP A 252 10.87 1.86 -9.20
N ASP A 253 11.01 1.69 -7.89
CA ASP A 253 10.86 2.84 -7.00
C ASP A 253 11.96 3.83 -7.34
N THR A 254 11.68 5.11 -7.17
CA THR A 254 12.65 6.16 -7.46
C THR A 254 12.97 7.00 -6.24
N ILE A 255 12.93 6.36 -5.08
CA ILE A 255 13.25 6.99 -3.81
C ILE A 255 14.23 6.03 -3.13
N PRO A 256 15.24 6.57 -2.42
CA PRO A 256 16.25 5.74 -1.73
C PRO A 256 15.64 4.85 -0.63
N ALA A 257 16.20 3.66 -0.45
CA ALA A 257 15.71 2.74 0.56
C ALA A 257 16.00 3.34 1.94
N ILE A 258 17.19 3.92 2.09
CA ILE A 258 17.57 4.53 3.36
C ILE A 258 17.57 6.04 3.25
N ILE A 259 16.68 6.69 3.99
CA ILE A 259 16.54 8.14 3.97
C ILE A 259 17.10 8.73 5.25
N SER A 260 18.07 9.63 5.11
CA SER A 260 18.70 10.25 6.27
C SER A 260 18.46 11.76 6.32
N HIS A 261 18.37 12.27 7.54
CA HIS A 261 18.13 13.70 7.76
C HIS A 261 19.29 14.37 8.49
N ASP A 262 20.38 13.63 8.67
CA ASP A 262 21.55 14.19 9.35
C ASP A 262 22.49 14.87 8.37
N GLU A 263 23.35 15.72 8.90
CA GLU A 263 24.33 16.42 8.08
C GLU A 263 25.58 15.56 8.01
MN MN B . -1.48 -1.94 4.91
MN MN C . -1.56 -3.71 1.84
NA NA D . -8.71 2.08 -8.35
OAN A18 E . -3.48 -2.83 5.36
CAE A18 E . -3.67 -3.15 4.16
OAO A18 E . -2.94 -2.78 3.22
CAA A18 E . -4.87 -4.04 3.87
OAM A18 E . -5.63 -4.62 4.85
CAB A18 E . -5.34 -4.39 2.67
CAC A18 E . -6.40 -5.18 2.87
CAD A18 E . -6.58 -5.33 4.18
CAL A18 E . -7.64 -6.13 4.93
CAK A18 E . -8.63 -6.79 3.96
CAF A18 E . -9.88 -6.20 3.83
CAG A18 E . -10.83 -6.75 2.99
CAH A18 E . -10.53 -7.89 2.26
CAI A18 E . -9.28 -8.48 2.38
CAJ A18 E . -8.33 -7.93 3.23
CLAP A18 E . -6.78 -8.67 3.38
#